data_6S16
#
_entry.id   6S16
#
_cell.length_a   108.066
_cell.length_b   108.066
_cell.length_c   133.281
_cell.angle_alpha   90.00
_cell.angle_beta   90.00
_cell.angle_gamma   120.00
#
_symmetry.space_group_name_H-M   'P 32 2 1'
#
loop_
_entity.id
_entity.type
_entity.pdbx_description
1 polymer 'Crossover junction endodeoxyribonuclease RuvC'
2 polymer 'DNA (33-MER)'
3 polymer "DNA (5'-D(*AP*TP*CP*TP*GP*CP*CP*GP*AP*TP*TP*C)-3')"
4 non-polymer 'SODIUM ION'
5 non-polymer 'CHLORIDE ION'
6 water water
#
loop_
_entity_poly.entity_id
_entity_poly.type
_entity_poly.pdbx_seq_one_letter_code
_entity_poly.pdbx_strand_id
1 'polypeptide(L)'
;GPHMVVAGIDPGITHLGLGVVAVEGKGALKARLLHGEVVKTSPQEPAKERVGRIHARVLEVLHRFRPEAVAVEEQFFYRQ
NELAYKVGWALGAVLVAAFEAGVPVYAYGPMQVKQALAGHGHAAKEEVALMVRGILGLKEAPRPSHLADALAIALTHAFY
ARMGTAKPL
;
A,B
2 'polydeoxyribonucleotide'
;(DC)(DA)(DA)(DT)(DC)(DG)(DG)(DC)(DT)(DT)(DT)(DG)(DA)(DC)(DC)(DT)(DT)(DT)(DG)(DG)
(DT)(DC)(DA)(DA)(DT)(DC)(DG)(DG)(DC)(DA)(DG)(DA)(DT)
;
C
3 'polydeoxyribonucleotide'
;(DA)(DT)(DC)(DT)(DG)(DC)(DC)(DG)(DA)(DT)(DT)(DC)(DT)(DG)(DG)(DT)(DT)(DT)(DC)(DC)
(DA)(DG)(DA)(DA)(DA)(DG)(DC)(DC)(DG)(DA)(DT)(DT)(DG)
;
D,F
#
loop_
_chem_comp.id
_chem_comp.type
_chem_comp.name
_chem_comp.formula
CL non-polymer 'CHLORIDE ION' 'Cl -1'
DA DNA linking 2'-DEOXYADENOSINE-5'-MONOPHOSPHATE 'C10 H14 N5 O6 P'
DC DNA linking 2'-DEOXYCYTIDINE-5'-MONOPHOSPHATE 'C9 H14 N3 O7 P'
DG DNA linking 2'-DEOXYGUANOSINE-5'-MONOPHOSPHATE 'C10 H14 N5 O7 P'
DT DNA linking THYMIDINE-5'-MONOPHOSPHATE 'C10 H15 N2 O8 P'
NA non-polymer 'SODIUM ION' 'Na 1'
#
# COMPACT_ATOMS: atom_id res chain seq x y z
N HIS A 3 -9.81 -24.37 -19.11
CA HIS A 3 -9.80 -22.90 -19.24
C HIS A 3 -9.20 -22.18 -18.01
N MET A 4 -7.98 -21.65 -18.16
CA MET A 4 -7.26 -20.96 -17.08
C MET A 4 -7.39 -19.45 -17.27
N VAL A 5 -8.12 -18.79 -16.37
CA VAL A 5 -8.37 -17.36 -16.47
C VAL A 5 -7.48 -16.64 -15.44
N VAL A 6 -6.68 -15.68 -15.91
CA VAL A 6 -5.55 -15.13 -15.16
C VAL A 6 -5.49 -13.61 -15.35
N ALA A 7 -5.60 -12.86 -14.25
CA ALA A 7 -5.54 -11.40 -14.29
C ALA A 7 -4.12 -10.88 -14.19
N GLY A 8 -3.78 -9.90 -15.01
CA GLY A 8 -2.46 -9.30 -15.03
C GLY A 8 -2.53 -7.84 -14.64
N ILE A 9 -1.49 -7.36 -13.94
CA ILE A 9 -1.49 -5.99 -13.46
C ILE A 9 -0.10 -5.39 -13.63
N ASP A 10 -0.06 -4.20 -14.24
CA ASP A 10 1.10 -3.30 -14.28
C ASP A 10 0.85 -2.26 -13.20
N PRO A 11 1.49 -2.35 -12.04
CA PRO A 11 1.12 -1.52 -10.90
C PRO A 11 1.65 -0.12 -11.05
N GLY A 12 0.85 0.84 -10.59
CA GLY A 12 1.26 2.22 -10.63
C GLY A 12 0.17 3.10 -10.05
N ILE A 13 0.54 4.23 -9.44
CA ILE A 13 -0.45 5.07 -8.76
C ILE A 13 -1.20 5.98 -9.75
N THR A 14 -0.61 6.33 -10.89
CA THR A 14 -1.22 7.21 -11.88
C THR A 14 -1.92 6.47 -13.03
N HIS A 15 -1.30 5.43 -13.59
CA HIS A 15 -1.93 4.58 -14.59
C HIS A 15 -1.64 3.13 -14.20
N LEU A 16 -2.69 2.33 -14.04
CA LEU A 16 -2.55 0.97 -13.54
C LEU A 16 -3.21 0.04 -14.55
N GLY A 17 -2.38 -0.72 -15.29
CA GLY A 17 -2.93 -1.63 -16.29
C GLY A 17 -3.55 -2.87 -15.68
N LEU A 18 -4.74 -3.22 -16.16
CA LEU A 18 -5.47 -4.36 -15.62
C LEU A 18 -6.11 -5.17 -16.75
N GLY A 19 -5.65 -6.40 -16.98
CA GLY A 19 -6.24 -7.23 -18.02
C GLY A 19 -6.50 -8.65 -17.57
N VAL A 20 -7.57 -9.24 -18.12
CA VAL A 20 -7.97 -10.63 -17.83
C VAL A 20 -7.90 -11.47 -19.11
N VAL A 21 -7.54 -12.74 -18.96
CA VAL A 21 -7.15 -13.64 -20.05
C VAL A 21 -7.54 -15.09 -19.73
N ALA A 22 -8.20 -15.78 -20.65
CA ALA A 22 -8.51 -17.21 -20.52
C ALA A 22 -7.64 -18.04 -21.47
N VAL A 23 -7.28 -19.26 -21.05
CA VAL A 23 -6.30 -20.09 -21.74
C VAL A 23 -6.84 -21.50 -21.98
N GLU A 24 -6.58 -22.04 -23.18
CA GLU A 24 -6.95 -23.42 -23.51
C GLU A 24 -6.07 -24.44 -22.78
N LEU A 29 -1.57 -24.15 -26.78
CA LEU A 29 -0.42 -23.34 -26.35
C LEU A 29 -0.58 -21.80 -26.56
N LYS A 30 -1.80 -21.26 -26.40
CA LYS A 30 -2.15 -19.83 -26.58
C LYS A 30 -3.56 -19.61 -26.00
N ALA A 31 -4.14 -18.41 -26.20
CA ALA A 31 -5.26 -17.94 -25.36
C ALA A 31 -5.93 -16.68 -25.93
N ARG A 32 -7.02 -16.25 -25.26
CA ARG A 32 -7.94 -15.18 -25.70
C ARG A 32 -8.18 -14.14 -24.59
N LEU A 33 -8.59 -12.93 -25.01
CA LEU A 33 -8.77 -11.78 -24.11
C LEU A 33 -10.21 -11.63 -23.60
N LEU A 34 -10.35 -11.32 -22.30
CA LEU A 34 -11.65 -11.23 -21.65
C LEU A 34 -12.03 -9.84 -21.16
N HIS A 35 -11.05 -8.97 -20.88
CA HIS A 35 -11.32 -7.66 -20.32
C HIS A 35 -10.03 -6.87 -20.24
N GLY A 36 -10.13 -5.56 -20.42
CA GLY A 36 -8.95 -4.71 -20.33
C GLY A 36 -9.35 -3.31 -19.90
N GLU A 37 -8.47 -2.67 -19.13
CA GLU A 37 -8.68 -1.30 -18.69
C GLU A 37 -7.42 -0.78 -18.00
N VAL A 38 -7.21 0.52 -18.12
CA VAL A 38 -6.22 1.24 -17.34
C VAL A 38 -6.97 2.09 -16.32
N VAL A 39 -6.62 1.94 -15.04
CA VAL A 39 -7.15 2.77 -13.97
C VAL A 39 -6.30 4.02 -13.84
N LYS A 40 -6.94 5.17 -13.75
CA LYS A 40 -6.25 6.44 -13.81
C LYS A 40 -6.65 7.24 -12.58
N THR A 41 -5.69 7.92 -11.96
CA THR A 41 -5.96 8.74 -10.79
C THR A 41 -4.99 9.90 -10.81
N SER A 42 -5.38 11.00 -10.18
CA SER A 42 -4.68 12.26 -10.38
C SER A 42 -4.17 12.86 -9.08
N PRO A 43 -2.96 13.45 -9.08
CA PRO A 43 -2.43 14.05 -7.86
C PRO A 43 -3.28 15.14 -7.27
N GLN A 44 -4.30 15.62 -7.98
CA GLN A 44 -5.18 16.59 -7.36
C GLN A 44 -6.17 15.97 -6.36
N GLU A 45 -6.25 14.55 -6.26
CA GLU A 45 -7.08 13.74 -5.37
C GLU A 45 -6.39 13.50 -4.05
N PRO A 46 -7.12 13.45 -2.95
CA PRO A 46 -6.53 12.96 -1.70
C PRO A 46 -6.01 11.54 -1.86
N ALA A 47 -4.78 11.30 -1.38
CA ALA A 47 -4.14 10.00 -1.56
C ALA A 47 -5.03 8.87 -1.12
N LYS A 48 -5.81 9.06 -0.03
CA LYS A 48 -6.75 8.03 0.40
C LYS A 48 -7.75 7.70 -0.69
N GLU A 49 -8.09 8.68 -1.55
CA GLU A 49 -9.05 8.42 -2.62
C GLU A 49 -8.43 7.74 -3.83
N ARG A 50 -7.17 8.04 -4.15
CA ARG A 50 -6.52 7.41 -5.29
C ARG A 50 -6.35 5.90 -5.07
N VAL A 51 -5.72 5.54 -3.95
CA VAL A 51 -5.62 4.14 -3.54
C VAL A 51 -6.99 3.53 -3.33
N GLY A 52 -7.95 4.33 -2.86
CA GLY A 52 -9.32 3.87 -2.70
C GLY A 52 -9.86 3.29 -4.00
N ARG A 53 -9.89 4.15 -5.03
CA ARG A 53 -10.38 3.75 -6.34
C ARG A 53 -9.61 2.56 -6.89
N ILE A 54 -8.28 2.55 -6.76
CA ILE A 54 -7.55 1.41 -7.30
C ILE A 54 -8.03 0.10 -6.67
N HIS A 55 -8.28 0.10 -5.35
CA HIS A 55 -8.75 -1.12 -4.67
C HIS A 55 -10.16 -1.48 -5.09
N ALA A 56 -11.06 -0.48 -5.08
CA ALA A 56 -12.45 -0.67 -5.50
C ALA A 56 -12.55 -1.33 -6.85
N ARG A 57 -11.69 -0.93 -7.77
CA ARG A 57 -11.82 -1.27 -9.16
C ARG A 57 -11.22 -2.64 -9.46
N VAL A 58 -10.06 -2.95 -8.85
CA VAL A 58 -9.50 -4.29 -8.93
C VAL A 58 -10.46 -5.32 -8.34
N LEU A 59 -11.04 -5.00 -7.18
CA LEU A 59 -11.98 -5.93 -6.55
C LEU A 59 -13.10 -6.30 -7.52
N GLU A 60 -13.73 -5.29 -8.14
CA GLU A 60 -14.83 -5.56 -9.06
C GLU A 60 -14.44 -6.52 -10.18
N VAL A 61 -13.27 -6.30 -10.77
CA VAL A 61 -12.83 -7.21 -11.83
C VAL A 61 -12.72 -8.63 -11.30
N LEU A 62 -12.20 -8.80 -10.08
CA LEU A 62 -11.96 -10.15 -9.57
C LEU A 62 -13.27 -10.87 -9.24
N HIS A 63 -14.30 -10.13 -8.81
CA HIS A 63 -15.60 -10.74 -8.57
C HIS A 63 -16.23 -11.21 -9.86
N ARG A 64 -16.18 -10.36 -10.89
CA ARG A 64 -16.79 -10.66 -12.19
C ARG A 64 -16.20 -11.93 -12.80
N PHE A 65 -14.93 -11.86 -13.24
CA PHE A 65 -14.30 -12.92 -14.00
C PHE A 65 -13.73 -14.05 -13.16
N ARG A 66 -13.80 -13.97 -11.82
CA ARG A 66 -13.34 -15.00 -10.90
C ARG A 66 -12.06 -15.68 -11.40
N PRO A 67 -10.95 -14.95 -11.52
CA PRO A 67 -9.71 -15.56 -12.04
C PRO A 67 -9.07 -16.50 -11.02
N GLU A 68 -8.14 -17.33 -11.54
CA GLU A 68 -7.43 -18.31 -10.72
C GLU A 68 -6.09 -17.81 -10.23
N ALA A 69 -5.65 -16.63 -10.68
CA ALA A 69 -4.35 -16.09 -10.32
C ALA A 69 -4.30 -14.63 -10.71
N VAL A 70 -3.86 -13.77 -9.81
CA VAL A 70 -3.45 -12.42 -10.15
C VAL A 70 -1.94 -12.43 -10.32
N ALA A 71 -1.46 -11.90 -11.42
CA ALA A 71 -0.02 -11.79 -11.63
C ALA A 71 0.31 -10.32 -11.77
N VAL A 72 1.20 -9.83 -10.93
CA VAL A 72 1.61 -8.44 -11.01
C VAL A 72 3.07 -8.40 -11.43
N GLU A 73 3.42 -7.33 -12.11
CA GLU A 73 4.80 -7.06 -12.46
C GLU A 73 5.52 -6.43 -11.27
N GLU A 74 6.83 -6.59 -11.24
CA GLU A 74 7.60 -6.11 -10.11
C GLU A 74 8.96 -5.62 -10.61
N GLN A 75 9.12 -4.31 -10.68
CA GLN A 75 10.42 -3.76 -11.06
C GLN A 75 11.36 -3.90 -9.89
N PHE A 76 12.66 -3.85 -10.17
CA PHE A 76 13.69 -3.81 -9.13
C PHE A 76 14.50 -2.53 -9.08
N PHE A 77 14.47 -1.72 -10.13
CA PHE A 77 15.13 -0.42 -10.13
C PHE A 77 14.11 0.70 -9.97
N TYR A 78 14.39 1.66 -9.10
CA TYR A 78 13.70 2.94 -9.07
C TYR A 78 14.76 3.98 -8.72
N ARG A 79 15.03 4.90 -9.63
CA ARG A 79 16.08 5.88 -9.38
C ARG A 79 15.73 6.83 -8.26
N GLN A 80 14.54 6.71 -7.68
CA GLN A 80 14.14 7.51 -6.55
C GLN A 80 13.30 6.65 -5.59
N ASN A 81 13.35 6.97 -4.30
CA ASN A 81 12.48 6.23 -3.38
C ASN A 81 11.03 6.66 -3.47
N GLU A 82 10.74 7.98 -3.51
CA GLU A 82 9.34 8.44 -3.58
C GLU A 82 8.54 7.64 -4.60
N LEU A 83 9.21 7.11 -5.61
CA LEU A 83 8.57 6.31 -6.65
C LEU A 83 8.19 4.93 -6.16
N ALA A 84 9.18 4.15 -5.69
CA ALA A 84 8.88 2.81 -5.19
C ALA A 84 7.87 2.84 -4.05
N TYR A 85 7.90 3.91 -3.24
CA TYR A 85 6.88 4.12 -2.23
C TYR A 85 5.48 4.06 -2.82
N LYS A 86 5.17 5.03 -3.70
CA LYS A 86 3.83 5.14 -4.25
C LYS A 86 3.41 3.94 -5.09
N VAL A 87 4.32 3.36 -5.88
CA VAL A 87 3.98 2.09 -6.52
C VAL A 87 3.54 1.08 -5.47
N GLY A 88 4.22 1.06 -4.32
CA GLY A 88 3.83 0.19 -3.22
C GLY A 88 2.42 0.45 -2.75
N TRP A 89 2.02 1.72 -2.65
CA TRP A 89 0.64 2.06 -2.32
C TRP A 89 -0.32 1.33 -3.22
N ALA A 90 -0.09 1.47 -4.53
CA ALA A 90 -1.03 0.93 -5.49
C ALA A 90 -0.93 -0.59 -5.49
N LEU A 91 0.27 -1.13 -5.31
CA LEU A 91 0.39 -2.56 -5.09
C LEU A 91 -0.41 -2.98 -3.87
N GLY A 92 -0.21 -2.28 -2.75
CA GLY A 92 -0.86 -2.67 -1.51
C GLY A 92 -2.37 -2.77 -1.67
N ALA A 93 -2.95 -1.74 -2.29
CA ALA A 93 -4.39 -1.75 -2.59
C ALA A 93 -4.77 -3.00 -3.36
N VAL A 94 -3.89 -3.45 -4.26
CA VAL A 94 -4.20 -4.65 -5.04
C VAL A 94 -4.28 -5.84 -4.10
N LEU A 95 -3.21 -6.07 -3.32
CA LEU A 95 -3.14 -7.27 -2.48
C LEU A 95 -4.30 -7.33 -1.49
N VAL A 96 -4.63 -6.19 -0.85
CA VAL A 96 -5.82 -6.10 -0.01
C VAL A 96 -7.04 -6.66 -0.73
N ALA A 97 -7.21 -6.28 -2.01
CA ALA A 97 -8.32 -6.77 -2.81
C ALA A 97 -8.14 -8.24 -3.15
N ALA A 98 -6.96 -8.64 -3.61
CA ALA A 98 -6.70 -10.05 -3.86
C ALA A 98 -6.94 -10.88 -2.62
N PHE A 99 -6.65 -10.32 -1.45
CA PHE A 99 -6.93 -10.99 -0.19
C PHE A 99 -8.43 -11.21 -0.01
N GLU A 100 -9.22 -10.12 -0.10
CA GLU A 100 -10.68 -10.19 -0.06
C GLU A 100 -11.22 -11.14 -1.12
N ALA A 101 -10.70 -11.05 -2.35
CA ALA A 101 -11.19 -11.92 -3.42
C ALA A 101 -10.77 -13.36 -3.17
N GLY A 102 -9.66 -13.56 -2.48
CA GLY A 102 -9.12 -14.89 -2.26
C GLY A 102 -8.38 -15.48 -3.45
N VAL A 103 -7.77 -14.66 -4.29
CA VAL A 103 -6.99 -15.14 -5.42
C VAL A 103 -5.51 -15.10 -5.03
N PRO A 104 -4.71 -16.13 -5.34
CA PRO A 104 -3.28 -16.07 -5.03
C PRO A 104 -2.53 -15.15 -5.98
N VAL A 105 -1.55 -14.42 -5.43
CA VAL A 105 -0.81 -13.43 -6.20
C VAL A 105 0.57 -13.99 -6.54
N TYR A 106 1.00 -13.72 -7.79
CA TYR A 106 2.27 -14.14 -8.36
C TYR A 106 2.99 -12.93 -8.94
N ALA A 107 4.31 -12.96 -8.89
CA ALA A 107 5.08 -11.79 -9.25
C ALA A 107 6.21 -12.18 -10.16
N TYR A 108 6.41 -11.40 -11.21
CA TYR A 108 7.44 -11.61 -12.20
C TYR A 108 8.13 -10.29 -12.48
N GLY A 109 9.44 -10.37 -12.68
CA GLY A 109 10.26 -9.21 -12.94
C GLY A 109 10.49 -9.13 -14.43
N PRO A 110 10.83 -7.94 -14.94
CA PRO A 110 10.82 -7.74 -16.40
C PRO A 110 11.73 -8.70 -17.13
N MET A 111 12.80 -9.15 -16.46
CA MET A 111 13.68 -10.18 -17.00
C MET A 111 12.91 -11.45 -17.37
N GLN A 112 12.14 -11.99 -16.44
CA GLN A 112 11.42 -13.22 -16.77
C GLN A 112 10.14 -12.97 -17.55
N VAL A 113 9.87 -11.75 -17.99
CA VAL A 113 8.78 -11.46 -18.92
C VAL A 113 9.28 -11.34 -20.35
N LYS A 114 10.36 -10.57 -20.53
CA LYS A 114 11.03 -10.48 -21.83
C LYS A 114 11.46 -11.84 -22.33
N GLN A 115 12.09 -12.64 -21.46
CA GLN A 115 12.65 -13.92 -21.85
C GLN A 115 11.69 -15.09 -21.62
N ALA A 116 10.45 -14.80 -21.21
CA ALA A 116 9.40 -15.81 -21.22
C ALA A 116 8.63 -15.80 -22.53
N LEU A 117 8.92 -14.85 -23.42
CA LEU A 117 8.14 -14.68 -24.65
C LEU A 117 8.99 -14.46 -25.91
N ALA A 118 10.22 -13.89 -25.79
CA ALA A 118 10.95 -13.46 -27.02
C ALA A 118 12.48 -13.46 -26.79
N GLY A 119 13.10 -14.61 -27.01
CA GLY A 119 14.57 -14.80 -27.10
C GLY A 119 15.37 -13.97 -26.09
N LYS A 125 13.09 -5.78 -26.95
CA LYS A 125 12.27 -4.78 -26.30
C LYS A 125 10.84 -4.78 -26.83
N GLU A 126 10.62 -4.13 -27.97
CA GLU A 126 9.30 -4.14 -28.58
C GLU A 126 8.93 -5.52 -29.11
N GLU A 127 9.91 -6.41 -29.27
CA GLU A 127 9.65 -7.74 -29.82
C GLU A 127 8.57 -8.48 -29.05
N VAL A 128 8.50 -8.26 -27.73
CA VAL A 128 7.48 -8.92 -26.92
C VAL A 128 6.15 -8.18 -27.03
N ALA A 129 6.17 -6.84 -26.98
CA ALA A 129 4.92 -6.08 -26.99
C ALA A 129 4.10 -6.32 -28.25
N LEU A 130 4.74 -6.78 -29.33
CA LEU A 130 4.00 -7.20 -30.51
C LEU A 130 3.51 -8.63 -30.39
N MET A 131 4.31 -9.49 -29.74
CA MET A 131 3.94 -10.89 -29.61
C MET A 131 2.61 -11.07 -28.90
N VAL A 132 2.28 -10.21 -27.94
CA VAL A 132 1.02 -10.35 -27.23
C VAL A 132 -0.15 -10.12 -28.19
N ARG A 133 0.00 -9.21 -29.15
CA ARG A 133 -1.01 -9.05 -30.19
C ARG A 133 -1.27 -10.39 -30.86
N GLY A 134 -0.25 -11.23 -30.96
CA GLY A 134 -0.38 -12.55 -31.53
C GLY A 134 -0.87 -13.62 -30.56
N ILE A 135 -0.24 -13.71 -29.39
CA ILE A 135 -0.55 -14.78 -28.45
C ILE A 135 -2.02 -14.75 -28.04
N LEU A 136 -2.66 -13.59 -28.21
CA LEU A 136 -4.11 -13.39 -28.06
C LEU A 136 -4.83 -13.37 -29.40
N GLY A 137 -4.54 -12.38 -30.24
CA GLY A 137 -5.13 -12.25 -31.57
C GLY A 137 -5.76 -10.90 -31.85
N LEU A 138 -4.96 -9.88 -32.17
CA LEU A 138 -5.48 -8.53 -32.24
C LEU A 138 -5.05 -7.81 -33.52
N LYS A 139 -6.00 -7.05 -34.07
CA LYS A 139 -5.74 -6.22 -35.24
C LYS A 139 -4.48 -5.38 -35.02
N GLU A 140 -4.53 -4.47 -34.06
CA GLU A 140 -3.35 -3.74 -33.65
C GLU A 140 -2.87 -4.25 -32.29
N ALA A 141 -1.62 -3.93 -31.97
CA ALA A 141 -1.15 -4.07 -30.61
C ALA A 141 -1.97 -3.15 -29.69
N PRO A 142 -1.98 -3.42 -28.38
CA PRO A 142 -2.86 -2.65 -27.48
C PRO A 142 -2.24 -1.37 -26.94
N ARG A 143 -3.13 -0.44 -26.59
CA ARG A 143 -2.77 0.85 -26.04
C ARG A 143 -3.65 1.12 -24.82
N PRO A 144 -3.18 1.92 -23.84
CA PRO A 144 -1.82 2.50 -23.72
C PRO A 144 -0.78 1.45 -23.40
N SER A 145 0.47 1.91 -23.30
CA SER A 145 1.59 1.04 -22.92
C SER A 145 1.20 0.17 -21.75
N HIS A 146 0.67 0.80 -20.70
CA HIS A 146 0.41 0.13 -19.43
C HIS A 146 -0.48 -1.08 -19.59
N LEU A 147 -1.42 -1.06 -20.54
CA LEU A 147 -2.27 -2.24 -20.71
C LEU A 147 -1.52 -3.39 -21.37
N ALA A 148 -0.66 -3.11 -22.34
CA ALA A 148 0.12 -4.19 -22.92
C ALA A 148 0.99 -4.86 -21.87
N ASP A 149 1.62 -4.05 -21.02
CA ASP A 149 2.32 -4.57 -19.84
C ASP A 149 1.44 -5.51 -19.01
N ALA A 150 0.27 -5.01 -18.60
CA ALA A 150 -0.66 -5.83 -17.81
C ALA A 150 -0.87 -7.19 -18.43
N LEU A 151 -0.96 -7.24 -19.77
CA LEU A 151 -1.29 -8.45 -20.50
C LEU A 151 -0.08 -9.35 -20.68
N ALA A 152 1.09 -8.75 -20.92
CA ALA A 152 2.31 -9.54 -20.86
C ALA A 152 2.33 -10.39 -19.60
N ILE A 153 2.05 -9.75 -18.46
CA ILE A 153 2.21 -10.37 -17.15
C ILE A 153 1.25 -11.53 -17.00
N ALA A 154 -0.01 -11.34 -17.37
CA ALA A 154 -0.98 -12.43 -17.22
C ALA A 154 -0.53 -13.65 -18.02
N LEU A 155 0.07 -13.41 -19.20
CA LEU A 155 0.60 -14.51 -20.01
C LEU A 155 1.87 -15.08 -19.39
N THR A 156 2.80 -14.21 -19.01
CA THR A 156 4.02 -14.67 -18.37
C THR A 156 3.70 -15.62 -17.23
N HIS A 157 2.66 -15.33 -16.44
CA HIS A 157 2.30 -16.23 -15.35
C HIS A 157 1.83 -17.57 -15.90
N ALA A 158 0.81 -17.53 -16.77
CA ALA A 158 0.23 -18.78 -17.27
C ALA A 158 1.28 -19.64 -17.97
N PHE A 159 2.31 -19.01 -18.54
CA PHE A 159 3.44 -19.77 -19.09
C PHE A 159 4.16 -20.56 -18.01
N TYR A 160 4.71 -19.85 -17.01
CA TYR A 160 5.34 -20.52 -15.89
C TYR A 160 4.35 -21.36 -15.08
N ALA A 161 3.06 -21.09 -15.16
CA ALA A 161 2.11 -21.93 -14.44
C ALA A 161 2.07 -23.33 -15.01
N ARG A 162 2.40 -23.49 -16.30
CA ARG A 162 2.41 -24.82 -16.93
C ARG A 162 3.74 -25.54 -16.71
N MET A 163 4.83 -24.80 -16.49
CA MET A 163 6.11 -25.39 -16.09
C MET A 163 6.28 -25.50 -14.57
N GLY A 164 5.20 -25.44 -13.78
CA GLY A 164 5.28 -25.53 -12.33
C GLY A 164 6.28 -24.61 -11.63
N THR A 165 6.87 -23.65 -12.34
CA THR A 165 7.70 -22.62 -11.72
C THR A 165 6.95 -21.31 -11.53
N ALA A 166 5.64 -21.40 -11.27
CA ALA A 166 4.89 -20.25 -10.82
C ALA A 166 5.44 -19.78 -9.49
N LYS A 167 5.70 -18.47 -9.38
CA LYS A 167 6.38 -17.90 -8.20
C LYS A 167 5.45 -17.04 -7.36
N PRO A 168 4.81 -17.58 -6.32
CA PRO A 168 3.83 -16.80 -5.55
C PRO A 168 4.47 -15.73 -4.69
N LEU A 169 3.68 -14.71 -4.40
CA LEU A 169 4.14 -13.58 -3.61
C LEU A 169 3.40 -13.54 -2.30
N HIS B 3 -11.96 18.46 22.59
CA HIS B 3 -11.81 17.00 22.63
C HIS B 3 -11.84 16.31 21.26
N MET B 4 -10.70 15.76 20.82
CA MET B 4 -10.56 15.20 19.47
C MET B 4 -9.78 13.89 19.49
N VAL B 5 -10.18 12.96 18.61
CA VAL B 5 -9.65 11.59 18.59
C VAL B 5 -8.81 11.37 17.34
N VAL B 6 -7.50 11.19 17.53
CA VAL B 6 -6.55 10.97 16.45
C VAL B 6 -5.99 9.55 16.56
N ALA B 7 -5.99 8.83 15.43
CA ALA B 7 -5.22 7.60 15.30
C ALA B 7 -3.86 7.91 14.66
N GLY B 8 -2.83 7.23 15.14
CA GLY B 8 -1.49 7.42 14.62
C GLY B 8 -0.88 6.10 14.21
N ILE B 9 -0.19 6.12 13.08
CA ILE B 9 0.27 4.88 12.45
C ILE B 9 1.74 5.07 12.12
N ASP B 10 2.59 4.17 12.63
CA ASP B 10 3.96 4.06 12.15
C ASP B 10 3.97 2.91 11.18
N PRO B 11 4.13 3.18 9.89
CA PRO B 11 3.82 2.16 8.88
C PRO B 11 5.05 1.31 8.61
N GLY B 12 4.77 0.06 8.31
CA GLY B 12 5.80 -0.89 8.04
C GLY B 12 5.16 -2.25 7.91
N ILE B 13 5.78 -3.12 7.13
CA ILE B 13 5.21 -4.41 6.80
C ILE B 13 5.46 -5.46 7.90
N THR B 14 6.54 -5.33 8.68
CA THR B 14 6.84 -6.31 9.70
C THR B 14 6.18 -5.99 11.03
N HIS B 15 6.31 -4.73 11.48
CA HIS B 15 5.66 -4.25 12.69
C HIS B 15 4.96 -2.94 12.35
N LEU B 16 3.65 -2.87 12.54
CA LEU B 16 2.89 -1.67 12.23
C LEU B 16 2.36 -1.06 13.52
N GLY B 17 2.84 0.13 13.85
CA GLY B 17 2.42 0.78 15.08
C GLY B 17 1.05 1.43 14.95
N LEU B 18 0.15 1.09 15.87
CA LEU B 18 -1.25 1.57 15.85
C LEU B 18 -1.64 2.14 17.20
N GLY B 19 -1.90 3.45 17.25
CA GLY B 19 -2.29 4.10 18.49
C GLY B 19 -3.44 5.09 18.32
N VAL B 20 -4.41 5.05 19.23
CA VAL B 20 -5.51 6.00 19.27
C VAL B 20 -5.36 6.82 20.54
N VAL B 21 -5.47 8.15 20.43
CA VAL B 21 -5.42 9.02 21.59
C VAL B 21 -6.58 10.00 21.52
N ALA B 22 -6.68 10.86 22.54
CA ALA B 22 -7.81 11.78 22.70
C ALA B 22 -7.32 13.09 23.31
N VAL B 23 -7.65 14.23 22.67
CA VAL B 23 -7.34 15.57 23.26
C VAL B 23 -8.57 16.46 23.50
N LYS B 26 -7.38 20.16 25.22
CA LYS B 26 -7.59 21.35 24.37
C LYS B 26 -6.71 22.56 24.76
N GLY B 27 -6.17 22.57 25.99
CA GLY B 27 -5.38 23.68 26.49
C GLY B 27 -3.90 23.64 26.11
N ALA B 28 -3.12 22.79 26.77
CA ALA B 28 -1.81 22.36 26.31
C ALA B 28 -1.90 20.91 25.85
N LEU B 29 -0.79 20.39 25.34
CA LEU B 29 -0.83 19.01 24.86
C LEU B 29 -1.03 18.09 26.07
N LYS B 30 -2.30 17.83 26.38
CA LYS B 30 -2.70 16.79 27.31
C LYS B 30 -3.69 15.88 26.59
N ALA B 31 -3.37 14.59 26.59
CA ALA B 31 -4.16 13.59 25.88
C ALA B 31 -4.13 12.26 26.62
N ARG B 32 -5.07 11.40 26.26
CA ARG B 32 -5.32 10.14 26.97
C ARG B 32 -5.29 8.96 26.00
N LEU B 33 -4.45 7.97 26.31
CA LEU B 33 -4.29 6.79 25.46
C LEU B 33 -5.55 5.91 25.48
N LEU B 34 -6.20 5.77 24.33
CA LEU B 34 -7.38 4.94 24.15
C LEU B 34 -7.04 3.52 23.71
N HIS B 35 -6.04 3.38 22.84
CA HIS B 35 -5.69 2.08 22.29
C HIS B 35 -4.27 2.07 21.76
N GLY B 36 -3.61 0.94 21.90
CA GLY B 36 -2.25 0.76 21.42
C GLY B 36 -2.07 -0.68 21.01
N GLU B 37 -1.25 -0.90 19.99
CA GLU B 37 -1.23 -2.13 19.21
C GLU B 37 -0.05 -2.11 18.26
N VAL B 38 0.51 -3.29 18.00
CA VAL B 38 1.52 -3.45 16.96
C VAL B 38 1.10 -4.67 16.16
N VAL B 39 0.86 -4.46 14.87
CA VAL B 39 0.48 -5.52 13.96
C VAL B 39 1.76 -6.16 13.44
N LYS B 40 1.83 -7.49 13.52
CA LYS B 40 3.01 -8.24 13.15
C LYS B 40 2.60 -9.23 12.07
N THR B 41 3.50 -9.42 11.09
CA THR B 41 3.33 -10.33 9.97
C THR B 41 4.69 -10.94 9.64
N SER B 42 4.70 -12.16 9.13
CA SER B 42 6.03 -12.68 8.93
C SER B 42 6.27 -12.98 7.46
N PRO B 43 7.51 -12.88 7.01
CA PRO B 43 7.84 -13.19 5.61
C PRO B 43 7.45 -14.60 5.21
N GLN B 44 6.72 -15.32 6.04
CA GLN B 44 6.26 -16.64 5.65
C GLN B 44 4.85 -16.62 5.07
N GLU B 45 4.10 -15.51 5.23
CA GLU B 45 2.76 -15.38 4.70
C GLU B 45 2.78 -14.88 3.27
N PRO B 46 1.82 -15.28 2.45
CA PRO B 46 1.70 -14.62 1.14
C PRO B 46 1.44 -13.13 1.35
N ALA B 47 2.09 -12.31 0.51
CA ALA B 47 2.00 -10.87 0.74
C ALA B 47 0.55 -10.42 0.76
N LYS B 48 -0.31 -11.06 -0.03
CA LYS B 48 -1.73 -10.75 0.00
C LYS B 48 -2.28 -10.81 1.41
N GLU B 49 -1.76 -11.73 2.21
CA GLU B 49 -2.24 -11.93 3.56
C GLU B 49 -1.54 -11.06 4.60
N ARG B 50 -0.25 -10.77 4.42
CA ARG B 50 0.40 -9.83 5.32
C ARG B 50 -0.33 -8.49 5.29
N VAL B 51 -0.45 -7.91 4.09
CA VAL B 51 -1.13 -6.64 3.94
C VAL B 51 -2.64 -6.82 4.05
N GLY B 52 -3.12 -8.06 3.93
CA GLY B 52 -4.54 -8.31 4.10
C GLY B 52 -5.02 -8.13 5.53
N ARG B 53 -4.20 -8.57 6.50
CA ARG B 53 -4.51 -8.39 7.91
C ARG B 53 -4.29 -6.96 8.36
N ILE B 54 -3.22 -6.33 7.88
CA ILE B 54 -2.98 -4.92 8.17
C ILE B 54 -4.23 -4.11 7.93
N HIS B 55 -4.88 -4.36 6.80
CA HIS B 55 -6.08 -3.65 6.42
C HIS B 55 -7.24 -3.95 7.35
N ALA B 56 -7.45 -5.23 7.67
CA ALA B 56 -8.52 -5.64 8.56
C ALA B 56 -8.37 -4.99 9.91
N ARG B 57 -7.17 -5.02 10.45
CA ARG B 57 -6.92 -4.55 11.79
C ARG B 57 -7.17 -3.04 11.91
N VAL B 58 -6.66 -2.26 10.95
CA VAL B 58 -6.90 -0.81 10.94
C VAL B 58 -8.39 -0.51 10.79
N LEU B 59 -9.09 -1.26 9.94
CA LEU B 59 -10.53 -1.06 9.79
C LEU B 59 -11.28 -1.28 11.09
N GLU B 60 -11.06 -2.42 11.75
CA GLU B 60 -11.70 -2.61 13.04
C GLU B 60 -11.48 -1.40 13.92
N VAL B 61 -10.22 -1.00 14.09
CA VAL B 61 -9.86 0.07 15.02
C VAL B 61 -10.45 1.40 14.59
N LEU B 62 -10.58 1.63 13.29
CA LEU B 62 -11.18 2.88 12.81
C LEU B 62 -12.69 2.91 13.05
N HIS B 63 -13.35 1.75 12.88
CA HIS B 63 -14.77 1.63 13.21
C HIS B 63 -15.00 1.78 14.69
N ARG B 64 -14.19 1.08 15.50
CA ARG B 64 -14.41 1.01 16.93
C ARG B 64 -14.30 2.39 17.58
N PHE B 65 -13.26 3.16 17.24
CA PHE B 65 -12.95 4.39 17.94
C PHE B 65 -13.33 5.66 17.16
N ARG B 66 -13.87 5.52 15.95
CA ARG B 66 -14.33 6.63 15.12
C ARG B 66 -13.48 7.88 15.33
N PRO B 67 -12.21 7.88 14.92
CA PRO B 67 -11.35 9.05 15.11
C PRO B 67 -11.59 10.11 14.05
N GLU B 68 -11.09 11.31 14.34
CA GLU B 68 -11.28 12.43 13.43
C GLU B 68 -10.28 12.45 12.32
N ALA B 69 -9.17 11.75 12.49
CA ALA B 69 -8.09 11.78 11.54
C ALA B 69 -7.16 10.63 11.82
N VAL B 70 -6.61 10.09 10.75
CA VAL B 70 -5.42 9.26 10.81
C VAL B 70 -4.22 10.15 10.58
N ALA B 71 -3.13 9.89 11.30
CA ALA B 71 -1.87 10.52 10.98
C ALA B 71 -0.84 9.42 10.82
N VAL B 72 -0.06 9.50 9.74
CA VAL B 72 0.99 8.53 9.49
C VAL B 72 2.37 9.20 9.49
N GLU B 73 3.39 8.43 9.84
CA GLU B 73 4.77 8.88 9.68
C GLU B 73 5.21 8.65 8.25
N GLU B 74 5.99 9.58 7.70
CA GLU B 74 6.52 9.49 6.35
C GLU B 74 8.03 9.69 6.39
N GLN B 75 8.79 8.65 6.08
CA GLN B 75 10.24 8.74 6.14
C GLN B 75 10.75 9.45 4.89
N PHE B 76 11.60 10.48 5.09
CA PHE B 76 12.12 11.24 3.96
C PHE B 76 13.12 10.46 3.12
N PHE B 77 13.55 9.28 3.57
CA PHE B 77 14.57 8.52 2.85
C PHE B 77 14.62 7.09 3.36
N TYR B 78 14.63 6.14 2.43
CA TYR B 78 14.77 4.70 2.67
C TYR B 78 16.09 4.25 2.02
N ARG B 79 16.89 3.46 2.73
CA ARG B 79 18.25 3.20 2.24
C ARG B 79 18.24 2.39 0.95
N GLN B 80 17.43 1.35 0.89
CA GLN B 80 17.25 0.62 -0.35
C GLN B 80 15.80 0.68 -0.80
N ASN B 81 15.57 0.47 -2.09
CA ASN B 81 14.25 0.74 -2.61
C ASN B 81 13.25 -0.35 -2.33
N GLU B 82 13.69 -1.56 -2.02
CA GLU B 82 12.73 -2.59 -1.62
C GLU B 82 12.17 -2.34 -0.23
N LEU B 83 12.85 -1.53 0.59
CA LEU B 83 12.24 -1.11 1.84
C LEU B 83 11.09 -0.16 1.57
N ALA B 84 11.35 0.92 0.83
CA ALA B 84 10.31 1.89 0.49
C ALA B 84 9.12 1.22 -0.17
N TYR B 85 9.36 0.25 -1.06
CA TYR B 85 8.30 -0.55 -1.66
C TYR B 85 7.35 -1.12 -0.62
N LYS B 86 7.88 -1.92 0.31
CA LYS B 86 7.05 -2.70 1.22
C LYS B 86 6.40 -1.84 2.32
N VAL B 87 7.17 -0.94 2.93
CA VAL B 87 6.55 0.13 3.73
C VAL B 87 5.43 0.79 2.92
N GLY B 88 5.67 1.02 1.64
CA GLY B 88 4.63 1.50 0.75
C GLY B 88 3.40 0.60 0.73
N TRP B 89 3.59 -0.72 0.64
CA TRP B 89 2.43 -1.62 0.65
C TRP B 89 1.54 -1.35 1.84
N ALA B 90 2.16 -1.22 3.01
CA ALA B 90 1.38 -1.17 4.23
C ALA B 90 0.61 0.14 4.32
N LEU B 91 1.26 1.24 3.96
CA LEU B 91 0.55 2.50 3.78
C LEU B 91 -0.63 2.36 2.84
N GLY B 92 -0.51 1.51 1.81
CA GLY B 92 -1.62 1.25 0.92
C GLY B 92 -2.83 0.67 1.63
N ALA B 93 -2.64 -0.43 2.36
CA ALA B 93 -3.74 -1.02 3.12
C ALA B 93 -4.32 -0.02 4.14
N VAL B 94 -3.46 0.84 4.70
CA VAL B 94 -3.95 1.90 5.57
C VAL B 94 -4.82 2.86 4.78
N LEU B 95 -4.28 3.39 3.68
CA LEU B 95 -5.00 4.37 2.87
C LEU B 95 -6.36 3.83 2.43
N VAL B 96 -6.39 2.64 1.82
CA VAL B 96 -7.67 1.97 1.50
C VAL B 96 -8.59 2.01 2.70
N ALA B 97 -8.08 1.64 3.88
CA ALA B 97 -8.93 1.54 5.07
C ALA B 97 -9.50 2.90 5.47
N ALA B 98 -8.66 3.94 5.49
CA ALA B 98 -9.17 5.26 5.86
C ALA B 98 -10.14 5.78 4.84
N PHE B 99 -10.05 5.27 3.61
CA PHE B 99 -10.98 5.65 2.56
C PHE B 99 -12.35 5.01 2.77
N GLU B 100 -12.34 3.71 3.09
CA GLU B 100 -13.54 2.97 3.49
C GLU B 100 -14.18 3.54 4.74
N ALA B 101 -13.41 4.22 5.58
CA ALA B 101 -13.95 4.82 6.78
C ALA B 101 -14.33 6.29 6.58
N GLY B 102 -13.87 6.92 5.52
CA GLY B 102 -14.10 8.34 5.39
C GLY B 102 -13.33 9.18 6.39
N VAL B 103 -12.43 8.57 7.13
CA VAL B 103 -11.47 9.30 7.96
C VAL B 103 -10.42 9.93 7.04
N PRO B 104 -10.10 11.21 7.22
CA PRO B 104 -9.05 11.85 6.41
C PRO B 104 -7.65 11.68 6.99
N VAL B 105 -6.67 11.66 6.08
CA VAL B 105 -5.30 11.24 6.39
C VAL B 105 -4.34 12.42 6.22
N TYR B 106 -3.44 12.57 7.21
CA TYR B 106 -2.38 13.58 7.30
C TYR B 106 -1.07 12.84 7.52
N ALA B 107 0.00 13.33 6.90
CA ALA B 107 1.30 12.71 7.09
C ALA B 107 2.29 13.75 7.56
N TYR B 108 3.12 13.34 8.52
CA TYR B 108 4.18 14.16 9.05
C TYR B 108 5.43 13.31 9.00
N GLY B 109 6.58 13.97 9.03
CA GLY B 109 7.83 13.29 8.91
C GLY B 109 8.67 13.43 10.15
N PRO B 110 9.80 12.73 10.18
CA PRO B 110 10.54 12.53 11.44
C PRO B 110 11.08 13.82 12.07
N MET B 111 11.10 14.94 11.36
CA MET B 111 11.52 16.20 11.96
C MET B 111 10.37 17.07 12.43
N GLN B 112 9.22 17.06 11.74
CA GLN B 112 8.05 17.71 12.33
C GLN B 112 7.63 17.09 13.67
N VAL B 113 7.88 15.79 13.92
CA VAL B 113 7.56 15.25 15.24
C VAL B 113 8.52 15.81 16.30
N LYS B 114 9.82 15.82 15.98
CA LYS B 114 10.81 16.40 16.89
C LYS B 114 10.47 17.86 17.21
N GLN B 115 10.14 18.66 16.19
CA GLN B 115 9.86 20.09 16.40
C GLN B 115 8.61 20.30 17.26
N ALA B 116 7.64 19.38 17.19
CA ALA B 116 6.41 19.53 17.94
C ALA B 116 6.52 18.97 19.35
N LEU B 117 7.11 17.78 19.50
CA LEU B 117 7.00 17.02 20.74
C LEU B 117 8.00 17.48 21.81
N ALA B 118 9.27 17.60 21.44
CA ALA B 118 10.30 18.05 22.38
C ALA B 118 10.60 19.54 22.27
N GLY B 119 9.98 20.24 21.32
CA GLY B 119 10.24 21.66 21.10
C GLY B 119 11.59 21.99 20.48
N HIS B 120 12.42 20.99 20.21
CA HIS B 120 13.76 21.17 19.64
C HIS B 120 13.81 20.57 18.24
N GLY B 121 14.74 21.08 17.42
CA GLY B 121 14.89 20.55 16.07
C GLY B 121 15.42 19.13 16.02
N HIS B 122 16.29 18.77 16.97
CA HIS B 122 16.89 17.43 17.05
C HIS B 122 16.84 16.99 18.52
N ALA B 123 15.74 16.33 18.89
CA ALA B 123 15.63 15.69 20.19
C ALA B 123 16.14 14.25 20.12
N ALA B 124 16.50 13.71 21.28
CA ALA B 124 16.90 12.31 21.34
C ALA B 124 15.68 11.40 21.34
N LYS B 125 15.89 10.15 20.88
CA LYS B 125 14.86 9.13 20.98
C LYS B 125 14.36 8.98 22.43
N GLU B 126 15.24 9.24 23.41
CA GLU B 126 14.80 9.36 24.79
C GLU B 126 14.09 10.69 25.06
N GLU B 127 14.46 11.75 24.33
CA GLU B 127 13.89 13.08 24.62
C GLU B 127 12.45 13.21 24.15
N VAL B 128 12.07 12.46 23.12
CA VAL B 128 10.67 12.49 22.68
C VAL B 128 9.82 11.61 23.57
N ALA B 129 10.21 10.32 23.72
CA ALA B 129 9.39 9.35 24.45
C ALA B 129 9.03 9.81 25.86
N LEU B 130 9.89 10.65 26.46
CA LEU B 130 9.54 11.27 27.74
C LEU B 130 8.44 12.31 27.53
N MET B 131 8.53 13.09 26.46
CA MET B 131 7.49 14.07 26.15
C MET B 131 6.17 13.39 25.81
N VAL B 132 6.23 12.11 25.40
CA VAL B 132 5.02 11.35 25.12
C VAL B 132 4.40 10.84 26.42
N ARG B 133 5.21 10.27 27.32
CA ARG B 133 4.64 9.80 28.58
C ARG B 133 3.95 10.93 29.33
N GLY B 134 4.46 12.15 29.17
CA GLY B 134 3.85 13.29 29.82
C GLY B 134 2.55 13.71 29.16
N ILE B 135 2.56 13.85 27.84
CA ILE B 135 1.33 14.23 27.15
C ILE B 135 0.22 13.22 27.40
N LEU B 136 0.58 12.03 27.91
CA LEU B 136 -0.32 10.89 28.08
C LEU B 136 -0.51 10.44 29.53
N GLY B 137 0.30 10.94 30.45
CA GLY B 137 0.17 10.60 31.85
C GLY B 137 0.30 9.12 32.10
N LEU B 138 1.44 8.55 31.71
CA LEU B 138 1.60 7.11 31.65
C LEU B 138 2.65 6.64 32.63
N LYS B 139 2.41 5.49 33.26
CA LYS B 139 3.36 4.92 34.23
C LYS B 139 4.73 4.71 33.59
N GLU B 140 4.86 3.70 32.73
CA GLU B 140 6.11 3.42 32.05
C GLU B 140 6.10 4.00 30.64
N ALA B 141 7.28 4.11 30.04
CA ALA B 141 7.35 4.51 28.64
C ALA B 141 6.74 3.41 27.78
N PRO B 142 6.00 3.76 26.72
CA PRO B 142 5.34 2.73 25.92
C PRO B 142 6.30 1.99 25.00
N ARG B 143 6.09 0.69 24.85
CA ARG B 143 6.96 -0.20 24.09
C ARG B 143 6.09 -1.13 23.25
N PRO B 144 6.57 -1.56 22.05
CA PRO B 144 7.90 -1.37 21.44
C PRO B 144 8.16 -0.01 20.84
N SER B 145 9.31 0.11 20.19
CA SER B 145 9.67 1.34 19.51
C SER B 145 8.56 1.79 18.57
N HIS B 146 8.07 0.86 17.73
CA HIS B 146 7.12 1.22 16.68
C HIS B 146 5.81 1.75 17.25
N LEU B 147 5.43 1.33 18.46
CA LEU B 147 4.22 1.89 19.08
C LEU B 147 4.48 3.24 19.72
N ALA B 148 5.70 3.45 20.22
CA ALA B 148 6.07 4.77 20.69
C ALA B 148 5.90 5.81 19.59
N ASP B 149 6.52 5.56 18.42
CA ASP B 149 6.38 6.45 17.25
C ASP B 149 4.91 6.68 16.89
N ALA B 150 4.14 5.59 16.80
CA ALA B 150 2.75 5.68 16.39
C ALA B 150 1.98 6.68 17.26
N LEU B 151 2.26 6.69 18.57
CA LEU B 151 1.63 7.64 19.49
C LEU B 151 2.19 9.04 19.30
N ALA B 152 3.51 9.14 19.11
CA ALA B 152 4.13 10.41 18.78
C ALA B 152 3.51 11.04 17.55
N ILE B 153 3.29 10.26 16.48
CA ILE B 153 2.69 10.82 15.26
C ILE B 153 1.30 11.37 15.54
N ALA B 154 0.48 10.61 16.28
CA ALA B 154 -0.88 11.03 16.58
C ALA B 154 -0.88 12.37 17.29
N LEU B 155 0.06 12.55 18.24
CA LEU B 155 0.18 13.80 18.97
C LEU B 155 0.74 14.92 18.11
N THR B 156 1.72 14.61 17.25
CA THR B 156 2.23 15.60 16.32
C THR B 156 1.14 16.09 15.38
N HIS B 157 0.21 15.21 14.98
CA HIS B 157 -0.86 15.71 14.12
C HIS B 157 -1.74 16.68 14.89
N ALA B 158 -2.03 16.36 16.15
CA ALA B 158 -2.88 17.24 16.95
C ALA B 158 -2.21 18.59 17.21
N PHE B 159 -0.87 18.58 17.33
CA PHE B 159 -0.17 19.83 17.58
C PHE B 159 -0.35 20.81 16.42
N TYR B 160 -0.09 20.34 15.20
CA TYR B 160 -0.21 21.19 14.01
C TYR B 160 -1.66 21.46 13.64
N ALA B 161 -2.59 20.61 14.06
CA ALA B 161 -4.01 20.88 13.82
C ALA B 161 -4.50 22.03 14.69
N ARG B 162 -3.91 22.19 15.89
CA ARG B 162 -4.26 23.30 16.77
C ARG B 162 -3.78 24.65 16.21
N MET B 163 -2.78 24.64 15.33
CA MET B 163 -2.31 25.82 14.63
C MET B 163 -2.79 25.91 13.19
N GLY B 164 -3.78 25.09 12.80
CA GLY B 164 -4.31 25.14 11.45
C GLY B 164 -3.30 24.95 10.34
N THR B 165 -2.28 24.13 10.56
CA THR B 165 -1.24 23.88 9.57
C THR B 165 -1.09 22.39 9.25
N ALA B 166 -2.21 21.63 9.27
CA ALA B 166 -2.18 20.20 9.07
C ALA B 166 -1.89 19.86 7.59
N LYS B 167 -1.20 18.72 7.38
CA LYS B 167 -0.65 18.35 6.08
C LYS B 167 -1.36 17.11 5.52
N PRO B 168 -2.48 17.27 4.77
CA PRO B 168 -3.19 16.08 4.24
C PRO B 168 -2.36 15.34 3.20
N LEU B 169 -2.82 14.14 2.85
CA LEU B 169 -2.04 13.28 1.98
C LEU B 169 -2.63 13.22 0.58
NA NA F . -0.11 -16.21 -2.69
CL CL G . 9.21 -2.81 16.66
#